data_5OX5
#
_entry.id   5OX5
#
_cell.length_a   110.147
_cell.length_b   110.147
_cell.length_c   39.368
_cell.angle_alpha   90.00
_cell.angle_beta   90.00
_cell.angle_gamma   120.00
#
_symmetry.space_group_name_H-M   'P 63'
#
loop_
_entity.id
_entity.type
_entity.pdbx_description
1 polymer 'Egl nine homolog 1'
2 non-polymer 'MANGANESE (II) ION'
3 non-polymer (6-hydroxy-1,3-dimethyl-2,4-dioxo-1,2,3,4-tetrahydropyrimidine-5-carbonyl)glycine
4 non-polymer 'BICARBONATE ION'
5 water water
#
_entity_poly.entity_id   1
_entity_poly.type   'polypeptide(L)'
_entity_poly.pdbx_seq_one_letter_code
;GSHMASPNGQTKPLPALKLALEYIVPCMNKHGICVVDDFLGKETGQQIGDEVRALHDTGKFTDGQLVSQKSDSSKDIRGD
KITWIEGKEPGCETIGLLMSSMDDLIRHCNGKLGSYKINGRTKAMVACYPGNGTGYVRHVDNPNGDGRCVTCIYYLNKDW
DAKVSGGILRIFPEGKAQFADIEPKFDRLLFFWSDRRNPHEVQPAYATRYAITVWYFDADERARAKVKYLTGEKGVRVEL
NKPSDSVGKDVF
;
_entity_poly.pdbx_strand_id   A
#
loop_
_chem_comp.id
_chem_comp.type
_chem_comp.name
_chem_comp.formula
B2E non-polymer (6-hydroxy-1,3-dimethyl-2,4-dioxo-1,2,3,4-tetrahydropyrimidine-5-carbonyl)glycine 'C9 H11 N3 O6'
BCT non-polymer 'BICARBONATE ION' 'C H O3 -1'
MN non-polymer 'MANGANESE (II) ION' 'Mn 2'
#
# COMPACT_ATOMS: atom_id res chain seq x y z
N LEU A 14 8.69 17.69 -5.08
CA LEU A 14 7.80 18.82 -4.84
C LEU A 14 7.37 18.86 -3.38
N PRO A 15 6.92 20.04 -2.92
CA PRO A 15 6.50 20.15 -1.52
C PRO A 15 5.16 19.47 -1.32
N ALA A 16 4.99 18.84 -0.16
CA ALA A 16 3.77 18.09 0.11
C ALA A 16 2.54 18.89 -0.31
N LEU A 17 2.58 20.21 -0.15
CA LEU A 17 1.37 21.01 -0.30
C LEU A 17 1.01 21.24 -1.76
N LYS A 18 1.97 21.63 -2.60
CA LYS A 18 1.66 21.84 -4.00
C LYS A 18 1.18 20.55 -4.65
N LEU A 19 1.86 19.45 -4.38
CA LEU A 19 1.47 18.16 -4.94
C LEU A 19 0.09 17.76 -4.43
N ALA A 20 -0.17 17.96 -3.14
CA ALA A 20 -1.46 17.60 -2.57
C ALA A 20 -2.60 18.41 -3.20
N LEU A 21 -2.44 19.74 -3.23
CA LEU A 21 -3.54 20.62 -3.59
C LEU A 21 -3.76 20.67 -5.10
N GLU A 22 -2.69 20.70 -5.89
CA GLU A 22 -2.83 20.85 -7.33
C GLU A 22 -3.00 19.53 -8.07
N TYR A 23 -2.56 18.41 -7.50
CA TYR A 23 -2.61 17.14 -8.19
C TYR A 23 -3.39 16.08 -7.43
N ILE A 24 -3.03 15.79 -6.17
CA ILE A 24 -3.57 14.61 -5.50
C ILE A 24 -5.07 14.78 -5.21
N VAL A 25 -5.45 15.90 -4.60
CA VAL A 25 -6.83 16.11 -4.20
C VAL A 25 -7.75 16.04 -5.42
N PRO A 26 -7.55 16.89 -6.43
CA PRO A 26 -8.46 16.82 -7.60
C PRO A 26 -8.46 15.46 -8.28
N CYS A 27 -7.30 14.82 -8.40
CA CYS A 27 -7.23 13.51 -9.05
C CYS A 27 -8.02 12.47 -8.27
N MET A 28 -7.94 12.50 -6.94
CA MET A 28 -8.69 11.55 -6.13
C MET A 28 -10.19 11.82 -6.22
N ASN A 29 -10.60 13.08 -6.13
CA ASN A 29 -12.01 13.39 -6.16
C ASN A 29 -12.63 13.10 -7.52
N LYS A 30 -11.84 13.15 -8.58
CA LYS A 30 -12.34 12.88 -9.93
C LYS A 30 -12.29 11.39 -10.29
N HIS A 31 -11.23 10.69 -9.90
CA HIS A 31 -11.00 9.32 -10.34
C HIS A 31 -10.91 8.30 -9.21
N GLY A 32 -10.70 8.73 -7.96
CA GLY A 32 -10.49 7.80 -6.88
C GLY A 32 -9.16 7.07 -6.93
N ILE A 33 -8.29 7.42 -7.87
CA ILE A 33 -6.96 6.83 -8.00
C ILE A 33 -6.00 7.95 -8.37
N CYS A 34 -4.79 7.90 -7.82
CA CYS A 34 -3.82 8.95 -8.10
C CYS A 34 -2.41 8.38 -8.01
N VAL A 35 -1.63 8.59 -9.07
CA VAL A 35 -0.26 8.09 -9.17
C VAL A 35 0.70 9.27 -9.18
N VAL A 36 1.66 9.24 -8.26
CA VAL A 36 2.71 10.25 -8.13
C VAL A 36 4.04 9.58 -8.38
N ASP A 37 4.75 10.01 -9.42
CA ASP A 37 6.05 9.44 -9.74
C ASP A 37 7.16 10.30 -9.17
N ASP A 38 8.27 9.64 -8.82
CA ASP A 38 9.44 10.31 -8.25
C ASP A 38 9.07 11.10 -7.00
N PHE A 39 8.58 10.36 -5.99
CA PHE A 39 8.03 11.00 -4.79
C PHE A 39 9.13 11.50 -3.85
N LEU A 40 10.20 10.72 -3.67
CA LEU A 40 11.26 11.08 -2.73
C LEU A 40 12.63 11.25 -3.39
N GLY A 41 12.80 10.84 -4.64
CA GLY A 41 14.09 10.94 -5.30
C GLY A 41 14.89 9.66 -5.20
N LYS A 42 15.94 9.59 -6.03
CA LYS A 42 16.75 8.38 -6.14
C LYS A 42 17.45 8.05 -4.82
N GLU A 43 18.07 9.06 -4.20
CA GLU A 43 18.83 8.83 -2.97
C GLU A 43 17.96 8.22 -1.89
N THR A 44 16.93 8.96 -1.45
CA THR A 44 16.05 8.47 -0.40
C THR A 44 15.41 7.14 -0.80
N GLY A 45 14.88 7.06 -2.03
CA GLY A 45 14.21 5.85 -2.46
C GLY A 45 15.10 4.62 -2.37
N GLN A 46 16.35 4.75 -2.82
CA GLN A 46 17.28 3.63 -2.76
C GLN A 46 17.68 3.31 -1.32
N GLN A 47 17.72 4.32 -0.44
CA GLN A 47 17.94 4.02 0.97
C GLN A 47 16.80 3.21 1.55
N ILE A 48 15.55 3.59 1.24
CA ILE A 48 14.41 2.79 1.67
C ILE A 48 14.52 1.38 1.13
N GLY A 49 14.88 1.24 -0.15
CA GLY A 49 15.07 -0.08 -0.72
C GLY A 49 16.12 -0.89 0.04
N ASP A 50 17.20 -0.24 0.46
CA ASP A 50 18.24 -0.93 1.22
C ASP A 50 17.70 -1.37 2.58
N GLU A 51 16.85 -0.56 3.21
CA GLU A 51 16.28 -0.96 4.50
C GLU A 51 15.30 -2.12 4.35
N VAL A 52 14.44 -2.06 3.33
CA VAL A 52 13.48 -3.15 3.08
C VAL A 52 14.23 -4.44 2.79
N ARG A 53 15.19 -4.39 1.86
CA ARG A 53 15.98 -5.58 1.54
C ARG A 53 16.76 -6.06 2.75
N ALA A 54 17.21 -5.15 3.61
CA ALA A 54 17.88 -5.56 4.84
C ALA A 54 16.92 -6.36 5.73
N LEU A 55 15.71 -5.84 5.92
CA LEU A 55 14.70 -6.57 6.68
C LEU A 55 14.45 -7.95 6.10
N HIS A 56 14.35 -8.04 4.77
CA HIS A 56 14.09 -9.32 4.14
C HIS A 56 15.25 -10.29 4.32
N ASP A 57 16.49 -9.80 4.18
CA ASP A 57 17.64 -10.69 4.26
C ASP A 57 17.86 -11.21 5.67
N THR A 58 17.54 -10.42 6.69
CA THR A 58 17.68 -10.85 8.08
C THR A 58 16.47 -11.60 8.60
N GLY A 59 15.51 -11.95 7.74
CA GLY A 59 14.41 -12.80 8.12
C GLY A 59 13.31 -12.12 8.90
N LYS A 60 13.15 -10.80 8.74
CA LYS A 60 12.08 -10.10 9.45
C LYS A 60 10.71 -10.31 8.83
N PHE A 61 10.66 -10.74 7.57
CA PHE A 61 9.40 -11.01 6.90
C PHE A 61 8.83 -12.36 7.35
N THR A 62 7.56 -12.57 7.04
CA THR A 62 6.94 -13.87 7.22
C THR A 62 7.35 -14.81 6.07
N ASP A 63 7.02 -16.09 6.22
CA ASP A 63 7.36 -17.06 5.19
C ASP A 63 6.54 -16.89 3.93
N GLY A 64 5.38 -16.22 4.01
CA GLY A 64 4.58 -15.93 2.83
C GLY A 64 3.18 -16.47 2.92
N GLN A 65 2.24 -15.84 2.21
CA GLN A 65 0.85 -16.29 2.23
C GLN A 65 0.72 -17.67 1.63
N LEU A 66 0.11 -18.58 2.37
CA LEU A 66 -0.11 -19.93 1.89
C LEU A 66 -1.05 -19.90 0.68
N VAL A 67 -0.51 -20.20 -0.51
CA VAL A 67 -1.29 -20.14 -1.74
C VAL A 67 -1.96 -21.47 -2.05
N SER A 68 -1.18 -22.55 -2.10
CA SER A 68 -1.68 -23.88 -2.38
C SER A 68 -1.18 -24.83 -1.29
N GLN A 69 -2.10 -25.35 -0.49
CA GLN A 69 -1.76 -26.26 0.60
C GLN A 69 -1.82 -27.69 0.09
N LYS A 70 -0.66 -28.29 -0.14
CA LYS A 70 -0.61 -29.67 -0.60
C LYS A 70 -0.79 -30.62 0.57
N SER A 71 -1.36 -31.80 0.27
CA SER A 71 -1.44 -32.85 1.29
C SER A 71 -0.07 -33.16 1.86
N ASP A 72 0.98 -33.04 1.04
CA ASP A 72 2.36 -33.11 1.51
C ASP A 72 2.83 -31.69 1.81
N SER A 73 3.26 -31.45 3.05
CA SER A 73 3.57 -30.09 3.48
C SER A 73 4.72 -29.50 2.69
N SER A 74 5.74 -30.31 2.39
CA SER A 74 6.91 -29.80 1.68
C SER A 74 6.59 -29.27 0.30
N LYS A 75 5.37 -29.51 -0.22
CA LYS A 75 4.97 -29.01 -1.52
C LYS A 75 4.16 -27.72 -1.46
N ASP A 76 3.85 -27.22 -0.27
CA ASP A 76 3.04 -26.02 -0.15
C ASP A 76 3.73 -24.83 -0.81
N ILE A 77 3.00 -24.15 -1.69
CA ILE A 77 3.48 -22.94 -2.34
C ILE A 77 3.04 -21.75 -1.51
N ARG A 78 3.95 -20.80 -1.30
CA ARG A 78 3.70 -19.60 -0.53
C ARG A 78 3.97 -18.37 -1.37
N GLY A 79 3.16 -17.33 -1.17
CA GLY A 79 3.25 -16.12 -1.97
C GLY A 79 3.83 -14.93 -1.24
N ASP A 80 3.06 -13.86 -1.13
CA ASP A 80 3.57 -12.61 -0.60
C ASP A 80 3.97 -12.76 0.87
N LYS A 81 5.12 -12.20 1.21
CA LYS A 81 5.60 -12.10 2.58
C LYS A 81 5.33 -10.68 3.09
N ILE A 82 5.12 -10.54 4.39
CA ILE A 82 4.82 -9.24 4.97
C ILE A 82 5.54 -9.06 6.29
N THR A 83 5.66 -7.80 6.68
CA THR A 83 6.08 -7.43 8.04
C THR A 83 5.51 -6.06 8.35
N TRP A 84 5.12 -5.86 9.60
CA TRP A 84 4.58 -4.59 10.06
C TRP A 84 5.70 -3.75 10.66
N ILE A 85 5.80 -2.51 10.19
CA ILE A 85 6.86 -1.59 10.58
C ILE A 85 6.23 -0.33 11.13
N GLU A 86 6.66 0.06 12.33
CA GLU A 86 6.19 1.29 12.94
C GLU A 86 6.93 2.51 12.40
N GLY A 87 8.19 2.33 12.00
CA GLY A 87 9.02 3.42 11.52
C GLY A 87 10.06 3.91 12.51
N LYS A 88 9.97 3.48 13.77
CA LYS A 88 10.95 3.83 14.78
C LYS A 88 11.94 2.70 15.06
N GLU A 89 11.82 1.58 14.36
CA GLU A 89 12.71 0.45 14.59
C GLU A 89 14.12 0.78 14.12
N PRO A 90 15.14 0.14 14.70
CA PRO A 90 16.50 0.31 14.18
C PRO A 90 16.60 -0.19 12.75
N GLY A 91 17.27 0.58 11.91
CA GLY A 91 17.37 0.24 10.50
C GLY A 91 16.11 0.45 9.71
N CYS A 92 15.13 1.18 10.27
CA CYS A 92 13.91 1.53 9.57
C CYS A 92 13.66 3.04 9.61
N GLU A 93 14.71 3.83 9.84
CA GLU A 93 14.53 5.27 9.97
C GLU A 93 13.99 5.88 8.68
N THR A 94 14.47 5.39 7.53
CA THR A 94 14.05 5.96 6.26
C THR A 94 12.65 5.52 5.88
N ILE A 95 12.26 4.30 6.26
CA ILE A 95 10.85 3.92 6.17
C ILE A 95 10.00 4.87 7.00
N GLY A 96 10.44 5.18 8.23
CA GLY A 96 9.74 6.13 9.05
C GLY A 96 9.65 7.50 8.42
N LEU A 97 10.70 7.89 7.68
CA LEU A 97 10.65 9.17 6.96
C LEU A 97 9.64 9.12 5.83
N LEU A 98 9.56 7.99 5.12
CA LEU A 98 8.51 7.80 4.11
C LEU A 98 7.13 7.96 4.74
N MET A 99 6.91 7.29 5.87
CA MET A 99 5.61 7.37 6.53
C MET A 99 5.31 8.79 6.97
N SER A 100 6.33 9.51 7.44
CA SER A 100 6.13 10.90 7.84
C SER A 100 5.77 11.78 6.64
N SER A 101 6.38 11.51 5.48
CA SER A 101 6.05 12.29 4.28
C SER A 101 4.64 12.00 3.80
N MET A 102 4.26 10.72 3.74
CA MET A 102 2.87 10.36 3.51
C MET A 102 1.95 11.14 4.45
N ASP A 103 2.27 11.13 5.74
CA ASP A 103 1.44 11.81 6.72
C ASP A 103 1.36 13.31 6.43
N ASP A 104 2.45 13.93 6.01
CA ASP A 104 2.41 15.33 5.63
C ASP A 104 1.44 15.56 4.48
N LEU A 105 1.57 14.77 3.41
CA LEU A 105 0.64 14.88 2.28
C LEU A 105 -0.81 14.80 2.75
N ILE A 106 -1.15 13.74 3.49
CA ILE A 106 -2.52 13.57 3.95
C ILE A 106 -2.95 14.76 4.80
N ARG A 107 -2.08 15.23 5.69
CA ARG A 107 -2.39 16.39 6.51
C ARG A 107 -2.81 17.57 5.63
N HIS A 108 -2.03 17.85 4.59
CA HIS A 108 -2.35 18.96 3.71
C HIS A 108 -3.59 18.69 2.85
N CYS A 109 -3.99 17.42 2.70
CA CYS A 109 -5.20 17.10 1.96
C CYS A 109 -6.46 17.16 2.80
N ASN A 110 -6.35 17.21 4.13
CA ASN A 110 -7.49 16.94 4.98
C ASN A 110 -8.61 17.94 4.72
N GLY A 111 -9.84 17.43 4.69
CA GLY A 111 -11.00 18.23 4.37
C GLY A 111 -11.31 18.30 2.89
N LYS A 112 -10.35 17.97 2.03
CA LYS A 112 -10.54 18.04 0.59
C LYS A 112 -10.67 16.69 -0.07
N LEU A 113 -10.36 15.60 0.63
CA LEU A 113 -10.50 14.25 0.08
C LEU A 113 -11.91 13.77 0.38
N GLY A 114 -12.78 13.84 -0.62
CA GLY A 114 -14.17 13.49 -0.40
C GLY A 114 -14.75 14.29 0.75
N SER A 115 -15.55 13.62 1.58
CA SER A 115 -16.05 14.19 2.81
C SER A 115 -15.32 13.63 4.03
N TYR A 116 -14.17 13.01 3.83
CA TYR A 116 -13.47 12.32 4.90
C TYR A 116 -12.69 13.30 5.77
N LYS A 117 -12.67 13.01 7.07
CA LYS A 117 -11.80 13.69 8.03
C LYS A 117 -10.84 12.63 8.55
N ILE A 118 -9.63 12.62 8.00
CA ILE A 118 -8.65 11.59 8.34
C ILE A 118 -7.99 11.95 9.66
N ASN A 119 -7.95 10.99 10.59
CA ASN A 119 -7.41 11.26 11.92
C ASN A 119 -6.40 10.22 12.40
N GLY A 120 -6.08 9.23 11.58
CA GLY A 120 -5.11 8.22 11.99
C GLY A 120 -4.73 7.36 10.80
N ARG A 121 -3.86 6.40 11.07
CA ARG A 121 -3.42 5.47 10.05
C ARG A 121 -2.94 4.18 10.72
N THR A 122 -2.72 3.17 9.90
CA THR A 122 -2.13 1.93 10.36
C THR A 122 -0.61 2.07 10.42
N LYS A 123 0.04 1.02 10.92
CA LYS A 123 1.47 0.89 10.69
C LYS A 123 1.72 0.56 9.22
N ALA A 124 2.98 0.59 8.83
CA ALA A 124 3.34 0.30 7.45
C ALA A 124 3.40 -1.21 7.23
N MET A 125 2.61 -1.70 6.27
CA MET A 125 2.73 -3.08 5.83
C MET A 125 3.75 -3.14 4.72
N VAL A 126 4.92 -3.72 5.01
CA VAL A 126 5.95 -3.94 4.01
C VAL A 126 5.74 -5.33 3.43
N ALA A 127 5.56 -5.39 2.11
CA ALA A 127 5.23 -6.62 1.41
C ALA A 127 6.29 -6.94 0.37
N CYS A 128 6.60 -8.23 0.24
CA CYS A 128 7.59 -8.74 -0.69
C CYS A 128 6.98 -9.95 -1.40
N TYR A 129 6.64 -9.79 -2.68
CA TYR A 129 6.30 -10.94 -3.49
C TYR A 129 7.60 -11.60 -3.94
N PRO A 130 7.79 -12.89 -3.65
CA PRO A 130 9.12 -13.50 -3.86
C PRO A 130 9.52 -13.62 -5.32
N GLY A 131 8.60 -13.45 -6.26
CA GLY A 131 8.92 -13.65 -7.66
C GLY A 131 8.68 -15.04 -8.16
N ASN A 132 7.92 -15.86 -7.43
CA ASN A 132 7.65 -17.24 -7.81
C ASN A 132 6.32 -17.39 -8.52
N GLY A 133 5.94 -16.41 -9.34
CA GLY A 133 4.70 -16.47 -10.07
C GLY A 133 3.46 -16.32 -9.23
N THR A 134 3.59 -15.94 -7.97
CA THR A 134 2.45 -15.66 -7.12
C THR A 134 2.06 -14.18 -7.23
N GLY A 135 0.77 -13.92 -7.10
CA GLY A 135 0.23 -12.58 -7.07
C GLY A 135 -0.72 -12.46 -5.89
N TYR A 136 -1.76 -11.65 -6.08
CA TYR A 136 -2.76 -11.42 -5.04
C TYR A 136 -4.13 -11.32 -5.68
N VAL A 137 -5.07 -12.16 -5.21
CA VAL A 137 -6.38 -12.26 -5.83
C VAL A 137 -7.09 -10.90 -5.80
N ARG A 138 -8.04 -10.75 -6.72
CA ARG A 138 -8.91 -9.57 -6.73
C ARG A 138 -9.61 -9.43 -5.39
N HIS A 139 -9.69 -8.20 -4.90
CA HIS A 139 -10.28 -7.96 -3.59
C HIS A 139 -10.56 -6.47 -3.42
N VAL A 140 -11.32 -6.17 -2.38
CA VAL A 140 -11.51 -4.81 -1.87
C VAL A 140 -10.86 -4.73 -0.51
N ASP A 141 -10.11 -3.66 -0.27
CA ASP A 141 -9.39 -3.52 0.99
C ASP A 141 -10.36 -3.44 2.17
N ASN A 142 -11.28 -2.47 2.14
CA ASN A 142 -12.24 -2.23 3.22
C ASN A 142 -13.66 -2.38 2.69
N PRO A 143 -14.20 -3.60 2.63
CA PRO A 143 -15.55 -3.79 2.10
C PRO A 143 -16.67 -3.61 3.12
N ASN A 144 -16.34 -3.69 4.41
CA ASN A 144 -17.34 -3.70 5.48
C ASN A 144 -17.21 -2.51 6.42
N GLY A 145 -16.63 -1.40 5.96
CA GLY A 145 -16.54 -0.21 6.76
C GLY A 145 -15.74 -0.37 8.04
N ASP A 146 -14.50 -0.83 7.92
CA ASP A 146 -13.63 -0.96 9.08
C ASP A 146 -12.95 0.35 9.46
N GLY A 147 -13.25 1.44 8.77
CA GLY A 147 -12.71 2.75 9.09
C GLY A 147 -11.67 3.26 8.13
N ARG A 148 -11.10 2.40 7.28
CA ARG A 148 -10.07 2.81 6.35
C ARG A 148 -10.69 3.41 5.10
N CYS A 149 -10.25 4.61 4.74
CA CYS A 149 -10.81 5.31 3.58
C CYS A 149 -9.81 5.52 2.44
N VAL A 150 -8.51 5.58 2.73
CA VAL A 150 -7.50 5.81 1.70
C VAL A 150 -6.42 4.76 1.84
N THR A 151 -6.08 4.11 0.72
CA THR A 151 -4.94 3.23 0.63
C THR A 151 -3.80 4.00 -0.02
N CYS A 152 -2.63 3.92 0.61
CA CYS A 152 -1.43 4.58 0.12
C CYS A 152 -0.32 3.54 0.03
N ILE A 153 0.25 3.38 -1.17
CA ILE A 153 1.26 2.36 -1.44
C ILE A 153 2.49 3.05 -2.03
N TYR A 154 3.68 2.62 -1.59
CA TYR A 154 4.94 3.13 -2.10
C TYR A 154 5.75 1.97 -2.65
N TYR A 155 6.17 2.07 -3.91
CA TYR A 155 6.88 1.00 -4.59
C TYR A 155 8.37 1.29 -4.67
N LEU A 156 9.17 0.21 -4.80
CA LEU A 156 10.62 0.30 -4.60
C LEU A 156 11.42 -0.42 -5.67
N ASN A 157 10.82 -0.87 -6.76
CA ASN A 157 11.46 -1.82 -7.66
C ASN A 157 12.07 -1.07 -8.84
N LYS A 158 13.39 -0.97 -8.83
CA LYS A 158 14.11 -0.24 -9.88
C LYS A 158 14.09 -1.02 -11.19
N ASP A 159 13.97 -0.28 -12.29
CA ASP A 159 13.99 -0.86 -13.64
C ASP A 159 13.04 -2.05 -13.74
N TRP A 160 11.83 -1.87 -13.22
CA TRP A 160 10.81 -2.91 -13.33
C TRP A 160 10.25 -2.91 -14.75
N ASP A 161 10.25 -4.09 -15.38
CA ASP A 161 9.65 -4.28 -16.69
C ASP A 161 8.52 -5.27 -16.53
N ALA A 162 7.28 -4.76 -16.52
CA ALA A 162 6.12 -5.64 -16.32
C ALA A 162 5.96 -6.63 -17.46
N LYS A 163 6.38 -6.28 -18.67
CA LYS A 163 6.36 -7.25 -19.76
C LYS A 163 7.21 -8.46 -19.43
N VAL A 164 8.22 -8.29 -18.59
CA VAL A 164 9.14 -9.36 -18.23
C VAL A 164 8.85 -9.91 -16.85
N SER A 165 8.53 -9.05 -15.89
CA SER A 165 8.41 -9.43 -14.49
C SER A 165 6.98 -9.51 -13.97
N GLY A 166 5.99 -9.10 -14.77
CA GLY A 166 4.63 -9.10 -14.28
C GLY A 166 4.48 -8.17 -13.09
N GLY A 167 3.68 -8.59 -12.11
CA GLY A 167 3.51 -7.84 -10.88
C GLY A 167 2.69 -6.58 -10.98
N ILE A 168 1.94 -6.40 -12.07
CA ILE A 168 1.15 -5.19 -12.24
C ILE A 168 0.00 -5.17 -11.25
N LEU A 169 -0.26 -4.00 -10.67
CA LEU A 169 -1.48 -3.77 -9.90
C LEU A 169 -2.59 -3.40 -10.86
N ARG A 170 -3.66 -4.18 -10.88
CA ARG A 170 -4.81 -3.91 -11.73
C ARG A 170 -5.99 -3.51 -10.87
N ILE A 171 -6.52 -2.31 -11.09
CA ILE A 171 -7.69 -1.81 -10.39
C ILE A 171 -8.87 -1.83 -11.35
N PHE A 172 -10.06 -2.13 -10.82
CA PHE A 172 -11.30 -2.23 -11.59
C PHE A 172 -12.27 -1.19 -11.03
N PRO A 173 -12.07 0.09 -11.36
CA PRO A 173 -12.93 1.13 -10.77
C PRO A 173 -14.40 0.83 -10.99
N GLU A 174 -15.19 1.06 -9.94
CA GLU A 174 -16.60 0.67 -9.95
C GLU A 174 -17.36 1.41 -11.04
N GLY A 175 -18.27 0.69 -11.70
CA GLY A 175 -19.14 1.28 -12.70
C GLY A 175 -18.47 1.55 -14.03
N LYS A 176 -17.14 1.66 -14.03
CA LYS A 176 -16.39 2.01 -15.23
C LYS A 176 -15.98 0.72 -15.93
N ALA A 177 -16.36 0.59 -17.20
CA ALA A 177 -15.97 -0.56 -18.02
C ALA A 177 -14.53 -0.34 -18.50
N GLN A 178 -13.60 -0.59 -17.59
CA GLN A 178 -12.17 -0.45 -17.85
C GLN A 178 -11.44 -0.78 -16.55
N PHE A 179 -10.16 -1.09 -16.68
CA PHE A 179 -9.30 -1.24 -15.51
C PHE A 179 -8.01 -0.46 -15.72
N ALA A 180 -7.44 -0.02 -14.61
CA ALA A 180 -6.23 0.80 -14.59
C ALA A 180 -5.06 -0.07 -14.15
N ASP A 181 -4.01 -0.12 -14.98
CA ASP A 181 -2.82 -0.90 -14.70
C ASP A 181 -1.72 0.00 -14.20
N ILE A 182 -1.17 -0.34 -13.04
CA ILE A 182 -0.14 0.46 -12.36
C ILE A 182 1.06 -0.46 -12.17
N GLU A 183 2.17 -0.13 -12.82
CA GLU A 183 3.39 -0.90 -12.62
C GLU A 183 4.04 -0.50 -11.29
N PRO A 184 4.59 -1.45 -10.54
CA PRO A 184 5.18 -1.11 -9.23
C PRO A 184 6.55 -0.44 -9.35
N LYS A 185 6.56 0.76 -9.92
CA LYS A 185 7.80 1.43 -10.28
C LYS A 185 8.50 2.00 -9.05
N PHE A 186 9.83 2.01 -9.11
CA PHE A 186 10.65 2.59 -8.06
C PHE A 186 10.24 4.04 -7.80
N ASP A 187 10.14 4.39 -6.52
CA ASP A 187 9.85 5.75 -6.08
C ASP A 187 8.47 6.22 -6.56
N ARG A 188 7.56 5.29 -6.78
CA ARG A 188 6.18 5.60 -7.14
C ARG A 188 5.29 5.52 -5.91
N LEU A 189 4.39 6.49 -5.78
CA LEU A 189 3.42 6.56 -4.70
C LEU A 189 2.01 6.53 -5.29
N LEU A 190 1.13 5.74 -4.67
CA LEU A 190 -0.21 5.50 -5.17
C LEU A 190 -1.23 5.75 -4.07
N PHE A 191 -2.31 6.45 -4.42
CA PHE A 191 -3.46 6.65 -3.54
C PHE A 191 -4.69 6.10 -4.22
N PHE A 192 -5.58 5.48 -3.44
CA PHE A 192 -6.90 5.16 -3.97
C PHE A 192 -7.86 4.84 -2.84
N TRP A 193 -9.14 5.12 -3.06
CA TRP A 193 -10.15 4.81 -2.05
C TRP A 193 -10.09 3.34 -1.69
N SER A 194 -10.19 3.05 -0.39
CA SER A 194 -10.04 1.68 0.09
C SER A 194 -11.34 0.87 0.02
N ASP A 195 -12.47 1.50 -0.24
CA ASP A 195 -13.75 0.80 -0.17
C ASP A 195 -14.04 0.11 -1.50
N ARG A 196 -15.30 -0.27 -1.72
CA ARG A 196 -15.69 -1.11 -2.86
C ARG A 196 -15.54 -0.39 -4.19
N ARG A 197 -15.18 0.89 -4.17
CA ARG A 197 -14.99 1.61 -5.42
C ARG A 197 -13.78 1.13 -6.19
N ASN A 198 -12.80 0.51 -5.52
CA ASN A 198 -11.53 0.12 -6.15
C ASN A 198 -11.21 -1.33 -5.80
N PRO A 199 -11.96 -2.29 -6.34
CA PRO A 199 -11.48 -3.66 -6.33
C PRO A 199 -10.19 -3.76 -7.12
N HIS A 200 -9.28 -4.63 -6.67
CA HIS A 200 -7.97 -4.66 -7.31
C HIS A 200 -7.31 -6.00 -7.04
N GLU A 201 -6.31 -6.30 -7.88
CA GLU A 201 -5.54 -7.52 -7.78
C GLU A 201 -4.09 -7.21 -8.15
N VAL A 202 -3.17 -8.03 -7.65
CA VAL A 202 -1.78 -8.00 -8.04
C VAL A 202 -1.54 -9.17 -8.99
N GLN A 203 -1.16 -8.88 -10.23
CA GLN A 203 -0.93 -9.93 -11.18
C GLN A 203 0.38 -10.66 -10.86
N PRO A 204 0.51 -11.92 -11.27
CA PRO A 204 1.67 -12.72 -10.85
C PRO A 204 2.99 -12.02 -11.08
N ALA A 205 3.84 -12.08 -10.07
CA ALA A 205 5.17 -11.47 -10.10
C ALA A 205 6.22 -12.55 -10.32
N TYR A 206 7.03 -12.37 -11.36
CA TYR A 206 8.13 -13.29 -11.66
C TYR A 206 9.49 -12.68 -11.28
N ALA A 207 9.47 -11.55 -10.57
CA ALA A 207 10.67 -10.98 -9.97
C ALA A 207 10.29 -10.48 -8.59
N THR A 208 11.28 -10.41 -7.71
CA THR A 208 11.05 -9.90 -6.36
C THR A 208 10.42 -8.52 -6.43
N ARG A 209 9.28 -8.36 -5.76
CA ARG A 209 8.47 -7.14 -5.85
C ARG A 209 8.21 -6.61 -4.45
N TYR A 210 8.73 -5.41 -4.17
CA TYR A 210 8.61 -4.79 -2.86
C TYR A 210 7.61 -3.63 -2.89
N ALA A 211 6.85 -3.48 -1.82
CA ALA A 211 5.93 -2.35 -1.69
C ALA A 211 5.68 -2.07 -0.22
N ILE A 212 5.32 -0.81 0.08
CA ILE A 212 5.02 -0.38 1.44
C ILE A 212 3.66 0.29 1.42
N THR A 213 2.70 -0.25 2.18
CA THR A 213 1.35 0.23 2.21
C THR A 213 1.00 0.82 3.56
N VAL A 214 0.28 1.93 3.54
CA VAL A 214 -0.31 2.53 4.74
C VAL A 214 -1.77 2.82 4.45
N TRP A 215 -2.64 2.55 5.43
CA TRP A 215 -4.06 2.84 5.33
C TRP A 215 -4.42 3.95 6.30
N TYR A 216 -5.20 4.92 5.81
CA TYR A 216 -5.60 6.08 6.60
C TYR A 216 -7.07 5.96 7.01
N PHE A 217 -7.37 6.42 8.23
CA PHE A 217 -8.67 6.24 8.85
C PHE A 217 -9.50 7.52 8.80
N ASP A 218 -10.74 7.38 8.33
CA ASP A 218 -11.75 8.42 8.52
C ASP A 218 -12.27 8.36 9.94
N ALA A 219 -12.41 9.54 10.56
CA ALA A 219 -12.69 9.60 12.00
C ALA A 219 -14.05 9.04 12.34
N ASP A 220 -15.08 9.39 11.56
CA ASP A 220 -16.43 8.92 11.86
C ASP A 220 -16.56 7.42 11.62
N GLU A 221 -16.17 6.96 10.44
CA GLU A 221 -16.26 5.54 10.12
C GLU A 221 -15.49 4.70 11.14
N ARG A 222 -14.26 5.13 11.46
CA ARG A 222 -13.47 4.40 12.46
C ARG A 222 -14.13 4.45 13.83
N ALA A 223 -14.73 5.59 14.17
CA ALA A 223 -15.35 5.73 15.49
C ALA A 223 -16.51 4.76 15.65
N ARG A 224 -17.36 4.62 14.62
CA ARG A 224 -18.50 3.71 14.73
C ARG A 224 -18.15 2.28 14.33
N ALA A 225 -16.94 2.03 13.83
CA ALA A 225 -16.50 0.65 13.64
C ALA A 225 -16.24 -0.05 14.97
N LYS A 226 -15.98 0.72 16.04
CA LYS A 226 -15.65 0.11 17.32
C LYS A 226 -16.77 -0.79 17.82
N VAL A 227 -18.02 -0.37 17.64
CA VAL A 227 -19.14 -1.23 18.01
C VAL A 227 -19.36 -2.31 16.96
N LYS A 228 -19.04 -2.01 15.70
CA LYS A 228 -19.03 -3.06 14.68
C LYS A 228 -17.94 -4.09 14.92
N TYR A 229 -16.98 -3.80 15.80
CA TYR A 229 -15.92 -4.75 16.17
C TYR A 229 -15.33 -5.44 14.95
N VAL A 236 -12.19 -2.99 24.33
CA VAL A 236 -13.07 -1.83 24.30
C VAL A 236 -14.11 -1.93 25.42
N ARG A 237 -13.71 -2.50 26.54
CA ARG A 237 -14.58 -2.72 27.68
C ARG A 237 -14.04 -2.01 28.91
N VAL A 238 -14.89 -1.87 29.93
CA VAL A 238 -14.54 -1.22 31.18
C VAL A 238 -15.19 -2.01 32.32
N GLU A 239 -14.37 -2.60 33.18
CA GLU A 239 -14.89 -3.30 34.35
C GLU A 239 -15.52 -2.29 35.31
N LEU A 240 -16.72 -2.60 35.78
CA LEU A 240 -17.43 -1.69 36.67
C LEU A 240 -17.29 -2.13 38.14
MN MN B . -5.33 -4.42 -1.46
C5 B2E C . -2.19 -6.05 -0.88
C6 B2E C . -3.26 -6.13 0.11
O6 B2E C . -4.45 -5.42 -0.10
N1 B2E C . -3.09 -6.94 1.31
C2 B2E C . -1.81 -7.73 1.57
N3 B2E C . -0.75 -7.60 0.49
C4 B2E C . -0.96 -6.77 -0.68
N B2E C . -1.22 -4.80 -2.88
CA B2E C . -1.37 -4.00 -4.08
C B2E C . 0.01 -3.79 -4.68
O B2E C . 1.02 -4.20 -4.05
OXT B2E C . 0.13 -3.22 -5.80
CAJ B2E C . -2.39 -5.20 -2.12
CAQ B2E C . -4.17 -7.00 2.28
CAR B2E C . 0.52 -8.31 0.64
O2 B2E C . -1.66 -8.39 2.53
O4 B2E C . -0.09 -6.70 -1.50
OAN B2E C . -3.47 -4.90 -2.48
H6 B2E C . -5.11 -5.94 0.01
H B2E C . -0.43 -5.03 -2.61
HA2 B2E C . -1.94 -4.47 -4.70
HA1 B2E C . -1.77 -3.14 -3.85
HA6 B2E C . -5.00 -7.22 1.83
HAQ B2E C . -4.26 -6.14 2.71
HA5 B2E C . -3.98 -7.68 2.94
HA4 B2E C . 0.77 -8.71 -0.21
HA3 B2E C . 0.43 -9.00 1.31
HAR B2E C . 1.21 -7.68 0.91
C BCT D . -15.18 -7.32 -6.05
O1 BCT D . -15.69 -6.45 -6.74
O2 BCT D . -14.22 -8.09 -6.21
O3 BCT D . -15.95 -7.67 -4.88
HO3 BCT D . -15.44 -7.93 -4.25
#